data_8UC3
#
_entry.id   8UC3
#
_cell.length_a   1.00
_cell.length_b   1.00
_cell.length_c   1.00
_cell.angle_alpha   90.00
_cell.angle_beta   90.00
_cell.angle_gamma   90.00
#
_symmetry.space_group_name_H-M   'P 1'
#
loop_
_entity.id
_entity.type
_entity.pdbx_description
1 polymer 'Albonoursin synthase'
2 polymer 'Protein AlbB'
3 non-polymer 'FLAVIN MONONUCLEOTIDE'
#
loop_
_entity_poly.entity_id
_entity_poly.type
_entity_poly.pdbx_seq_one_letter_code
_entity_poly.pdbx_strand_id
1 'polypeptide(L)'
;MLAHSSSESPPESLPDAWTVLKTRTAVRNYAKEPVDDALIEQLLEAMLAAPTASNRQAWSFMVVRRPAAVRRLRAFSPGV
LGTPAFFVVACVDRSLTDNLSPKLSQKIYDTSKLCVAMAVENLLLAAHAAGLGGCPVGSFRSDIVTSMLGIPEHIEPMLV
VPIGRPATALVPSQRRAKNEVVNYESWGNRAAAPTA
;
A,B
2 'polypeptide(L)'
;MNPGETVLPPQLREEIALLAVYLLSSGRGLLEEPADYGIYRCTDGARRALQLLDEHGGSTARLTAVRERLDEVMFAPMGE
DRDMGAILDDLCRQMADALPEIETP
;
D,C
#
# COMPACT_ATOMS: atom_id res chain seq x y z
N SER A 13 13.20 -18.64 -26.27
CA SER A 13 12.11 -19.04 -25.33
C SER A 13 11.72 -17.84 -24.48
N LEU A 14 10.59 -17.91 -23.77
CA LEU A 14 10.15 -16.71 -23.03
C LEU A 14 11.21 -16.41 -21.96
N PRO A 15 11.60 -15.14 -21.75
CA PRO A 15 12.70 -14.81 -20.84
C PRO A 15 12.43 -15.04 -19.35
N ASP A 16 13.45 -15.47 -18.60
CA ASP A 16 13.29 -15.61 -17.13
C ASP A 16 13.05 -14.21 -16.59
N ALA A 17 12.19 -14.06 -15.58
CA ALA A 17 11.83 -12.70 -15.14
C ALA A 17 13.04 -11.92 -14.60
N TRP A 18 13.91 -12.55 -13.82
CA TRP A 18 15.00 -11.77 -13.17
C TRP A 18 15.96 -11.11 -14.18
N THR A 19 16.36 -11.81 -15.24
CA THR A 19 17.22 -11.16 -16.25
C THR A 19 16.48 -10.00 -16.91
N VAL A 20 15.21 -10.20 -17.21
CA VAL A 20 14.41 -9.14 -17.89
C VAL A 20 14.29 -7.92 -16.98
N LEU A 21 14.06 -8.11 -15.68
CA LEU A 21 13.82 -6.90 -14.85
C LEU A 21 15.05 -5.99 -14.81
N LYS A 22 16.25 -6.56 -14.63
CA LYS A 22 17.52 -5.76 -14.60
C LYS A 22 17.83 -5.10 -15.95
N THR A 23 17.63 -5.80 -17.07
CA THR A 23 17.99 -5.30 -18.43
C THR A 23 17.15 -4.14 -19.03
N ARG A 24 15.95 -3.87 -18.52
CA ARG A 24 15.04 -2.87 -19.14
C ARG A 24 15.74 -1.51 -19.11
N THR A 25 15.93 -0.88 -20.27
CA THR A 25 16.50 0.45 -20.38
C THR A 25 15.58 1.32 -21.23
N ALA A 26 15.58 2.62 -20.94
CA ALA A 26 14.79 3.55 -21.72
C ALA A 26 15.28 3.55 -23.17
N VAL A 27 14.34 3.36 -24.09
CA VAL A 27 14.64 3.32 -25.52
C VAL A 27 14.05 4.57 -26.15
N ARG A 28 14.89 5.34 -26.84
CA ARG A 28 14.46 6.56 -27.50
C ARG A 28 14.69 6.54 -29.01
N ASN A 29 15.42 5.56 -29.53
CA ASN A 29 15.57 5.35 -30.96
C ASN A 29 14.77 4.12 -31.35
N TYR A 30 13.72 4.32 -32.14
CA TYR A 30 12.84 3.24 -32.58
C TYR A 30 12.93 3.06 -34.08
N ALA A 31 12.76 1.83 -34.54
CA ALA A 31 12.85 1.49 -35.95
C ALA A 31 11.48 1.57 -36.62
N LYS A 32 11.51 1.68 -37.95
CA LYS A 32 10.31 1.90 -38.74
C LYS A 32 9.39 0.68 -38.79
N GLU A 33 9.89 -0.51 -38.49
CA GLU A 33 9.09 -1.72 -38.60
C GLU A 33 7.92 -1.67 -37.61
N PRO A 34 6.68 -1.80 -38.07
CA PRO A 34 5.53 -1.65 -37.17
C PRO A 34 5.30 -2.90 -36.33
N VAL A 35 4.43 -2.73 -35.33
CA VAL A 35 4.06 -3.79 -34.40
C VAL A 35 2.64 -4.23 -34.72
N ASP A 36 2.45 -5.54 -34.88
CA ASP A 36 1.14 -6.08 -35.24
C ASP A 36 0.17 -6.01 -34.07
N ASP A 37 -1.12 -6.14 -34.39
CA ASP A 37 -2.18 -5.84 -33.41
C ASP A 37 -2.23 -6.87 -32.29
N ALA A 38 -1.97 -8.14 -32.60
CA ALA A 38 -2.05 -9.17 -31.56
C ALA A 38 -1.05 -8.92 -30.46
N LEU A 39 0.17 -8.52 -30.82
CA LEU A 39 1.17 -8.18 -29.81
C LEU A 39 0.73 -6.99 -28.98
N ILE A 40 0.12 -5.97 -29.61
CA ILE A 40 -0.36 -4.81 -28.88
C ILE A 40 -1.42 -5.22 -27.85
N GLU A 41 -2.36 -6.06 -28.28
CA GLU A 41 -3.39 -6.53 -27.37
C GLU A 41 -2.80 -7.33 -26.23
N GLN A 42 -1.81 -8.17 -26.51
CA GLN A 42 -1.22 -9.00 -25.46
C GLN A 42 -0.47 -8.13 -24.45
N LEU A 43 0.26 -7.12 -24.93
CA LEU A 43 0.94 -6.19 -24.03
C LEU A 43 -0.06 -5.40 -23.19
N LEU A 44 -1.17 -4.98 -23.78
CA LEU A 44 -2.20 -4.28 -23.02
C LEU A 44 -2.85 -5.16 -21.98
N GLU A 45 -3.06 -6.43 -22.30
CA GLU A 45 -3.57 -7.39 -21.31
C GLU A 45 -2.58 -7.63 -20.19
N ALA A 46 -1.28 -7.65 -20.50
CA ALA A 46 -0.28 -7.85 -19.46
C ALA A 46 -0.16 -6.63 -18.55
N MET A 47 -0.43 -5.43 -19.07
CA MET A 47 -0.22 -4.22 -18.30
C MET A 47 -1.39 -3.85 -17.39
N LEU A 48 -2.53 -4.52 -17.52
CA LEU A 48 -3.68 -4.20 -16.67
C LEU A 48 -3.67 -4.97 -15.36
N ALA A 49 -2.70 -5.84 -15.13
CA ALA A 49 -2.63 -6.64 -13.91
C ALA A 49 -1.99 -5.89 -12.75
N ALA A 50 -1.75 -4.59 -12.88
CA ALA A 50 -1.14 -3.81 -11.83
C ALA A 50 -2.08 -3.68 -10.64
N PRO A 51 -1.55 -3.44 -9.44
CA PRO A 51 -2.42 -3.18 -8.29
C PRO A 51 -3.13 -1.85 -8.41
N THR A 52 -4.33 -1.79 -7.84
CA THR A 52 -5.10 -0.55 -7.77
C THR A 52 -5.71 -0.43 -6.39
N ALA A 53 -5.81 0.82 -5.92
CA ALA A 53 -6.21 1.09 -4.55
C ALA A 53 -7.64 0.65 -4.29
N SER A 54 -7.80 -0.30 -3.37
CA SER A 54 -9.12 -0.82 -2.96
C SER A 54 -9.88 -1.43 -4.13
N ASN A 55 -9.13 -1.94 -5.12
CA ASN A 55 -9.69 -2.56 -6.33
C ASN A 55 -10.62 -1.61 -7.09
N ARG A 56 -10.38 -0.30 -6.97
CA ARG A 56 -11.27 0.68 -7.59
C ARG A 56 -11.06 0.81 -9.09
N GLN A 57 -9.81 0.67 -9.55
CA GLN A 57 -9.46 0.81 -10.97
C GLN A 57 -9.89 2.17 -11.51
N ALA A 58 -9.49 3.24 -10.81
CA ALA A 58 -9.78 4.60 -11.23
C ALA A 58 -8.73 5.10 -12.22
N TRP A 59 -8.76 4.51 -13.42
CA TRP A 59 -7.80 4.86 -14.46
C TRP A 59 -8.45 4.72 -15.83
N SER A 60 -7.85 5.38 -16.81
CA SER A 60 -8.23 5.22 -18.21
C SER A 60 -6.96 5.16 -19.04
N PHE A 61 -7.03 4.45 -20.15
CA PHE A 61 -5.86 4.34 -21.03
C PHE A 61 -6.33 4.52 -22.47
N MET A 62 -5.43 4.92 -23.37
CA MET A 62 -5.80 5.07 -24.80
C MET A 62 -4.66 4.56 -25.67
N VAL A 63 -4.97 3.93 -26.81
CA VAL A 63 -3.92 3.45 -27.76
C VAL A 63 -4.01 4.25 -29.07
N VAL A 64 -2.97 4.97 -29.44
CA VAL A 64 -2.85 5.72 -30.69
C VAL A 64 -1.75 5.07 -31.51
N ARG A 65 -2.05 4.71 -32.76
CA ARG A 65 -1.08 4.01 -33.62
C ARG A 65 -1.19 4.37 -35.13
N ARG A 66 -2.24 5.13 -35.49
CA ARG A 66 -2.44 5.47 -36.90
C ARG A 66 -1.23 6.35 -37.22
N PRO A 67 -0.63 6.17 -38.41
CA PRO A 67 0.62 6.87 -38.72
C PRO A 67 0.55 8.39 -38.63
N ALA A 68 -0.61 9.00 -38.90
CA ALA A 68 -0.74 10.45 -38.76
C ALA A 68 -0.93 10.90 -37.32
N ALA A 69 -1.72 10.16 -36.54
CA ALA A 69 -2.01 10.58 -35.18
C ALA A 69 -0.80 10.46 -34.27
N VAL A 70 0.06 9.46 -34.52
CA VAL A 70 1.26 9.30 -33.68
C VAL A 70 2.21 10.48 -33.89
N ARG A 71 2.37 10.92 -35.14
CA ARG A 71 3.21 12.07 -35.41
C ARG A 71 2.57 13.38 -34.97
N ARG A 72 1.23 13.49 -34.95
CA ARG A 72 0.64 14.75 -34.43
C ARG A 72 0.73 14.78 -32.90
N LEU A 73 0.59 13.64 -32.23
CA LEU A 73 0.78 13.65 -30.79
C LEU A 73 2.25 13.85 -30.41
N ARG A 74 3.17 13.41 -31.28
CA ARG A 74 4.60 13.55 -30.97
C ARG A 74 5.02 15.01 -30.92
N ALA A 75 4.45 15.84 -31.80
CA ALA A 75 4.83 17.25 -31.83
C ALA A 75 4.48 17.95 -30.52
N PHE A 76 3.30 17.69 -29.97
CA PHE A 76 2.87 18.30 -28.72
C PHE A 76 3.47 17.63 -27.50
N SER A 77 4.43 16.73 -27.69
CA SER A 77 5.13 16.06 -26.59
C SER A 77 6.63 16.25 -26.81
N PRO A 78 7.16 17.41 -26.39
CA PRO A 78 8.58 17.70 -26.68
C PRO A 78 9.56 16.73 -26.03
N GLY A 79 9.16 16.04 -24.97
CA GLY A 79 10.06 15.11 -24.31
C GLY A 79 10.23 13.78 -25.03
N VAL A 80 9.47 13.55 -26.09
CA VAL A 80 9.54 12.29 -26.83
C VAL A 80 10.54 12.45 -27.96
N LEU A 81 11.52 11.55 -28.01
CA LEU A 81 12.50 11.51 -29.09
C LEU A 81 12.29 10.24 -29.91
N GLY A 82 12.47 10.38 -31.22
CA GLY A 82 12.22 9.27 -32.13
C GLY A 82 10.74 9.01 -32.37
N THR A 83 10.41 8.36 -33.48
CA THR A 83 9.01 8.11 -33.83
C THR A 83 8.68 6.65 -33.54
N PRO A 84 7.83 6.37 -32.57
CA PRO A 84 7.55 4.99 -32.17
C PRO A 84 6.51 4.34 -33.08
N ALA A 85 6.28 3.05 -32.82
CA ALA A 85 5.23 2.35 -33.53
C ALA A 85 3.84 2.79 -33.07
N PHE A 86 3.63 2.89 -31.77
CA PHE A 86 2.34 3.32 -31.25
C PHE A 86 2.51 3.97 -29.89
N PHE A 87 1.46 4.70 -29.48
CA PHE A 87 1.46 5.48 -28.25
C PHE A 87 0.39 4.94 -27.30
N VAL A 88 0.75 4.84 -26.02
CA VAL A 88 -0.19 4.50 -24.96
C VAL A 88 -0.22 5.65 -23.97
N VAL A 89 -1.40 6.21 -23.75
CA VAL A 89 -1.58 7.35 -22.86
C VAL A 89 -2.35 6.88 -21.62
N ALA A 90 -1.77 7.09 -20.44
CA ALA A 90 -2.34 6.63 -19.18
C ALA A 90 -2.89 7.83 -18.41
N CYS A 91 -4.13 7.71 -17.95
CA CYS A 91 -4.82 8.79 -17.26
C CYS A 91 -5.42 8.28 -15.96
N VAL A 92 -5.77 9.21 -15.07
CA VAL A 92 -6.42 8.90 -13.82
C VAL A 92 -7.87 9.37 -13.89
N ASP A 93 -8.79 8.46 -13.61
CA ASP A 93 -10.23 8.72 -13.72
C ASP A 93 -10.67 9.33 -12.39
N ARG A 94 -11.03 10.61 -12.42
CA ARG A 94 -11.34 11.34 -11.19
C ARG A 94 -12.79 11.14 -10.76
N SER A 95 -13.63 10.58 -11.63
CA SER A 95 -15.03 10.35 -11.29
C SER A 95 -15.18 9.48 -10.05
N LEU A 96 -14.32 8.46 -9.91
CA LEU A 96 -14.41 7.49 -8.82
C LEU A 96 -13.49 7.82 -7.66
N THR A 97 -13.19 9.09 -7.40
CA THR A 97 -12.34 9.43 -6.27
C THR A 97 -12.81 10.63 -5.46
N ASP A 98 -13.90 11.30 -5.85
CA ASP A 98 -14.42 12.41 -5.07
C ASP A 98 -15.38 11.91 -4.00
N ASN A 99 -15.21 12.43 -2.78
CA ASN A 99 -16.09 12.11 -1.67
C ASN A 99 -15.90 13.13 -0.56
N LEU A 100 -16.97 13.35 0.20
CA LEU A 100 -17.02 14.21 1.38
C LEU A 100 -16.17 15.46 1.18
N SER A 101 -15.30 15.76 2.14
CA SER A 101 -14.48 16.97 2.13
C SER A 101 -13.38 16.88 1.07
N PRO A 102 -12.85 18.01 0.60
CA PRO A 102 -11.73 17.96 -0.36
C PRO A 102 -10.47 17.32 0.20
N LYS A 103 -10.31 17.25 1.53
CA LYS A 103 -9.15 16.58 2.10
C LYS A 103 -9.13 15.10 1.71
N LEU A 104 -10.27 14.42 1.86
CA LEU A 104 -10.35 13.03 1.42
C LEU A 104 -10.18 12.93 -0.09
N SER A 105 -10.66 13.92 -0.84
CA SER A 105 -10.45 13.93 -2.27
C SER A 105 -8.96 13.96 -2.63
N GLN A 106 -8.18 14.82 -1.98
CA GLN A 106 -6.73 14.85 -2.23
C GLN A 106 -6.09 13.52 -1.82
N LYS A 107 -6.49 12.99 -0.67
CA LYS A 107 -5.93 11.74 -0.16
C LYS A 107 -6.15 10.59 -1.12
N ILE A 108 -7.34 10.48 -1.70
CA ILE A 108 -7.67 9.38 -2.60
C ILE A 108 -7.38 9.75 -4.05
N TYR A 109 -6.91 10.97 -4.29
CA TYR A 109 -6.52 11.40 -5.62
C TYR A 109 -5.02 11.28 -5.89
N ASP A 110 -4.18 11.43 -4.87
CA ASP A 110 -2.74 11.16 -5.04
C ASP A 110 -2.49 9.65 -5.15
N THR A 111 -3.14 8.88 -4.29
CA THR A 111 -3.05 7.43 -4.28
C THR A 111 -3.49 6.86 -5.63
N SER A 112 -4.46 7.50 -6.28
CA SER A 112 -4.93 7.04 -7.57
C SER A 112 -3.84 7.09 -8.63
N LYS A 113 -3.03 8.15 -8.62
CA LYS A 113 -1.91 8.30 -9.56
C LYS A 113 -0.75 7.38 -9.22
N LEU A 114 -0.52 7.17 -7.92
CA LEU A 114 0.51 6.22 -7.50
C LEU A 114 0.26 4.82 -8.07
N CYS A 115 -1.00 4.43 -8.22
CA CYS A 115 -1.31 3.13 -8.82
C CYS A 115 -1.26 3.15 -10.34
N VAL A 116 -1.52 4.31 -10.96
CA VAL A 116 -1.42 4.39 -12.42
C VAL A 116 0.03 4.27 -12.88
N ALA A 117 0.99 4.79 -12.12
CA ALA A 117 2.40 4.64 -12.51
C ALA A 117 2.83 3.18 -12.60
N MET A 118 2.30 2.33 -11.72
CA MET A 118 2.64 0.91 -11.73
C MET A 118 2.20 0.23 -13.02
N ALA A 119 1.04 0.62 -13.56
CA ALA A 119 0.58 0.06 -14.83
C ALA A 119 1.52 0.41 -15.96
N VAL A 120 2.02 1.65 -15.98
CA VAL A 120 3.00 2.05 -16.99
C VAL A 120 4.27 1.22 -16.87
N GLU A 121 4.73 1.00 -15.63
CA GLU A 121 5.90 0.17 -15.43
C GLU A 121 5.69 -1.25 -15.96
N ASN A 122 4.53 -1.83 -15.68
CA ASN A 122 4.17 -3.15 -16.19
C ASN A 122 4.18 -3.16 -17.71
N LEU A 123 3.63 -2.11 -18.32
CA LEU A 123 3.60 -2.02 -19.77
C LEU A 123 5.00 -2.01 -20.36
N LEU A 124 5.91 -1.21 -19.78
CA LEU A 124 7.27 -1.15 -20.29
C LEU A 124 7.97 -2.49 -20.12
N LEU A 125 7.77 -3.16 -18.99
CA LEU A 125 8.38 -4.47 -18.77
C LEU A 125 7.89 -5.48 -19.81
N ALA A 126 6.58 -5.49 -20.07
CA ALA A 126 6.00 -6.38 -21.06
C ALA A 126 6.48 -6.07 -22.48
N ALA A 127 6.67 -4.79 -22.80
CA ALA A 127 7.08 -4.42 -24.14
C ALA A 127 8.58 -4.57 -24.33
N HIS A 128 9.33 -4.72 -23.24
CA HIS A 128 10.75 -4.98 -23.36
C HIS A 128 11.00 -6.48 -23.45
N ALA A 129 10.20 -7.27 -22.73
CA ALA A 129 10.32 -8.72 -22.80
C ALA A 129 10.05 -9.23 -24.20
N ALA A 130 9.30 -8.47 -25.00
CA ALA A 130 8.94 -8.88 -26.36
C ALA A 130 9.93 -8.42 -27.42
N GLY A 131 10.99 -7.71 -27.04
CA GLY A 131 11.96 -7.23 -27.99
C GLY A 131 11.76 -5.80 -28.46
N LEU A 132 10.85 -5.06 -27.86
CA LEU A 132 10.59 -3.67 -28.20
C LEU A 132 11.23 -2.77 -27.14
N GLY A 133 10.93 -1.47 -27.20
CA GLY A 133 11.45 -0.53 -26.22
C GLY A 133 10.45 0.55 -25.92
N GLY A 134 10.66 1.22 -24.79
CA GLY A 134 9.76 2.30 -24.40
C GLY A 134 10.36 3.14 -23.30
N CYS A 135 9.77 4.32 -23.11
CA CYS A 135 10.23 5.29 -22.13
C CYS A 135 9.08 6.19 -21.69
N PRO A 136 8.79 6.27 -20.39
CA PRO A 136 7.72 7.19 -19.94
C PRO A 136 8.12 8.64 -20.14
N VAL A 137 7.18 9.45 -20.64
CA VAL A 137 7.42 10.85 -20.90
C VAL A 137 6.36 11.67 -20.16
N GLY A 138 6.81 12.61 -19.34
CA GLY A 138 5.90 13.43 -18.55
C GLY A 138 5.79 14.87 -19.00
N SER A 139 6.71 15.31 -19.86
CA SER A 139 6.73 16.69 -20.34
C SER A 139 5.92 16.78 -21.63
N PHE A 140 4.63 17.10 -21.48
CA PHE A 140 3.73 17.21 -22.62
C PHE A 140 2.67 18.27 -22.33
N ARG A 141 2.03 18.75 -23.38
CA ARG A 141 0.96 19.74 -23.27
C ARG A 141 -0.34 19.00 -22.95
N SER A 142 -0.78 19.10 -21.70
CA SER A 142 -1.92 18.33 -21.21
C SER A 142 -3.22 18.69 -21.91
N ASP A 143 -3.56 19.99 -21.95
CA ASP A 143 -4.84 20.44 -22.48
C ASP A 143 -5.00 20.12 -23.96
N ILE A 144 -3.92 20.24 -24.73
CA ILE A 144 -4.03 20.04 -26.17
C ILE A 144 -4.37 18.60 -26.50
N VAL A 145 -3.72 17.65 -25.83
CA VAL A 145 -4.01 16.24 -26.09
C VAL A 145 -5.40 15.88 -25.58
N THR A 146 -5.84 16.49 -24.49
CA THR A 146 -7.20 16.27 -24.00
C THR A 146 -8.23 16.72 -25.02
N SER A 147 -8.01 17.89 -25.63
CA SER A 147 -8.90 18.35 -26.68
C SER A 147 -8.82 17.47 -27.93
N MET A 148 -7.62 17.04 -28.29
CA MET A 148 -7.44 16.28 -29.56
C MET A 148 -8.06 14.89 -29.47
N LEU A 149 -7.91 14.22 -28.33
CA LEU A 149 -8.40 12.86 -28.19
C LEU A 149 -9.84 12.78 -27.71
N GLY A 150 -10.47 13.91 -27.41
CA GLY A 150 -11.83 13.91 -26.93
C GLY A 150 -11.98 13.44 -25.50
N ILE A 151 -10.92 13.53 -24.71
CA ILE A 151 -10.96 13.02 -23.33
C ILE A 151 -11.83 13.95 -22.48
N PRO A 152 -12.81 13.42 -21.76
CA PRO A 152 -13.69 14.27 -20.94
C PRO A 152 -12.93 15.02 -19.87
N GLU A 153 -13.66 15.90 -19.17
CA GLU A 153 -13.03 16.80 -18.20
C GLU A 153 -12.67 16.08 -16.92
N HIS A 154 -13.39 15.01 -16.57
CA HIS A 154 -13.13 14.30 -15.32
C HIS A 154 -12.00 13.29 -15.44
N ILE A 155 -11.34 13.20 -16.59
CA ILE A 155 -10.23 12.29 -16.80
C ILE A 155 -8.99 13.13 -17.09
N GLU A 156 -7.94 12.93 -16.27
CA GLU A 156 -6.74 13.76 -16.31
C GLU A 156 -5.55 12.98 -16.85
N PRO A 157 -5.02 13.32 -18.02
CA PRO A 157 -3.82 12.62 -18.52
C PRO A 157 -2.63 12.83 -17.59
N MET A 158 -1.82 11.78 -17.45
CA MET A 158 -0.64 11.82 -16.59
C MET A 158 0.65 11.54 -17.33
N LEU A 159 0.72 10.46 -18.08
CA LEU A 159 1.98 10.01 -18.67
C LEU A 159 1.73 9.52 -20.09
N VAL A 160 2.62 9.89 -21.00
CA VAL A 160 2.58 9.47 -22.39
C VAL A 160 3.81 8.60 -22.63
N VAL A 161 3.61 7.35 -23.03
CA VAL A 161 4.70 6.40 -23.18
C VAL A 161 4.73 5.92 -24.63
N PRO A 162 5.85 6.06 -25.34
CA PRO A 162 5.98 5.45 -26.67
C PRO A 162 6.52 4.03 -26.56
N ILE A 163 6.08 3.18 -27.49
CA ILE A 163 6.53 1.80 -27.56
C ILE A 163 6.95 1.49 -28.99
N GLY A 164 8.09 0.81 -29.14
CA GLY A 164 8.55 0.45 -30.47
C GLY A 164 9.80 -0.38 -30.39
N ARG A 165 10.25 -0.84 -31.56
CA ARG A 165 11.45 -1.66 -31.67
C ARG A 165 12.70 -0.79 -31.64
N PRO A 166 13.67 -1.08 -30.77
CA PRO A 166 14.89 -0.25 -30.71
C PRO A 166 15.63 -0.27 -32.04
N ALA A 167 16.15 0.90 -32.43
CA ALA A 167 16.89 1.01 -33.69
C ALA A 167 18.36 0.68 -33.53
N THR A 168 18.94 0.99 -32.38
CA THR A 168 20.35 0.72 -32.10
C THR A 168 20.43 -0.19 -30.88
N ALA A 169 21.66 -0.58 -30.53
CA ALA A 169 21.87 -1.46 -29.39
C ALA A 169 21.55 -0.74 -28.09
N LEU A 170 21.12 -1.52 -27.10
CA LEU A 170 20.80 -0.97 -25.79
C LEU A 170 22.07 -0.61 -25.02
N VAL A 171 22.00 0.47 -24.27
CA VAL A 171 23.13 0.95 -23.48
C VAL A 171 22.65 1.29 -22.07
N PRO A 172 23.15 0.62 -21.04
CA PRO A 172 22.72 0.92 -19.67
C PRO A 172 23.09 2.32 -19.23
N SER A 173 22.56 2.75 -18.09
CA SER A 173 22.82 4.06 -17.53
C SER A 173 23.81 3.94 -16.37
N GLN A 174 24.20 5.09 -15.82
CA GLN A 174 25.10 5.16 -14.68
C GLN A 174 24.30 5.51 -13.44
N ARG A 175 24.38 4.65 -12.43
CA ARG A 175 23.58 4.78 -11.22
C ARG A 175 24.47 4.80 -9.99
N ARG A 176 24.06 5.56 -8.97
CA ARG A 176 24.76 5.61 -7.70
C ARG A 176 24.86 4.22 -7.10
N ALA A 177 25.90 3.97 -6.31
CA ALA A 177 26.10 2.67 -5.71
C ALA A 177 24.99 2.35 -4.72
N LYS A 178 24.75 1.06 -4.48
CA LYS A 178 23.67 0.63 -3.61
C LYS A 178 23.77 1.28 -2.23
N ASN A 179 24.99 1.38 -1.71
CA ASN A 179 25.17 2.01 -0.39
C ASN A 179 24.50 3.39 -0.38
N GLU A 180 24.69 4.20 -1.39
CA GLU A 180 24.20 5.61 -1.28
C GLU A 180 22.68 5.72 -1.07
N VAL A 181 21.86 4.93 -1.77
CA VAL A 181 20.37 5.12 -1.68
C VAL A 181 19.69 4.14 -0.71
N VAL A 182 20.41 3.24 -0.04
CA VAL A 182 19.70 2.19 0.78
C VAL A 182 20.30 2.09 2.19
N ASN A 183 19.45 2.09 3.24
CA ASN A 183 19.92 2.01 4.61
C ASN A 183 19.21 0.88 5.34
N TYR A 184 19.91 0.26 6.28
CA TYR A 184 19.40 -0.90 7.01
C TYR A 184 19.15 -0.53 8.46
N GLU A 185 17.88 -0.60 8.87
CA GLU A 185 17.44 -0.55 10.27
C GLU A 185 17.60 0.82 10.91
N SER A 186 18.27 1.75 10.22
CA SER A 186 18.46 3.11 10.70
C SER A 186 19.01 3.95 9.56
N TRP A 187 18.70 5.25 9.58
CA TRP A 187 19.22 6.16 8.58
C TRP A 187 20.73 6.38 8.76
N GLY A 188 21.53 5.78 7.88
CA GLY A 188 22.97 5.96 7.92
C GLY A 188 23.73 4.66 7.95
N ASN A 189 23.02 3.56 8.11
CA ASN A 189 23.62 2.23 8.23
C ASN A 189 23.71 1.51 6.89
N ARG A 190 24.56 1.98 5.97
CA ARG A 190 24.62 1.39 4.65
C ARG A 190 25.55 0.18 4.61
N ALA A 191 25.44 -0.72 5.60
CA ALA A 191 26.30 -1.89 5.61
C ALA A 191 25.56 -3.19 5.88
N ALA A 192 24.58 -3.14 6.79
CA ALA A 192 24.00 -4.36 7.34
C ALA A 192 23.26 -5.17 6.30
N LEU B 8 2.93 -10.57 34.28
CA LEU B 8 2.60 -10.89 32.89
C LEU B 8 3.86 -11.24 32.12
N PRO B 9 3.77 -12.24 31.24
CA PRO B 9 4.92 -12.59 30.41
C PRO B 9 5.30 -11.41 29.52
N PRO B 10 6.60 -11.21 29.29
CA PRO B 10 7.03 -10.04 28.49
C PRO B 10 6.46 -10.02 27.08
N GLN B 11 6.33 -11.18 26.43
CA GLN B 11 5.73 -11.21 25.11
C GLN B 11 4.25 -10.82 25.16
N LEU B 12 3.55 -11.31 26.18
CA LEU B 12 2.14 -10.95 26.33
C LEU B 12 1.97 -9.46 26.57
N ARG B 13 2.84 -8.90 27.40
CA ARG B 13 2.75 -7.44 27.73
C ARG B 13 2.90 -6.63 26.45
N GLU B 14 3.86 -6.98 25.59
CA GLU B 14 4.05 -6.27 24.34
C GLU B 14 2.82 -6.36 23.45
N GLU B 15 2.18 -7.52 23.41
CA GLU B 15 1.08 -7.74 22.47
C GLU B 15 -0.12 -6.85 22.77
N ILE B 16 -0.43 -6.67 24.06
CA ILE B 16 -1.53 -5.78 24.43
C ILE B 16 -1.22 -4.34 24.06
N ALA B 17 0.01 -3.89 24.35
CA ALA B 17 0.38 -2.50 24.08
C ALA B 17 0.39 -2.21 22.59
N LEU B 18 0.88 -3.15 21.78
CA LEU B 18 0.86 -2.95 20.33
C LEU B 18 -0.56 -2.98 19.78
N LEU B 19 -1.47 -3.67 20.47
CA LEU B 19 -2.88 -3.59 20.10
C LEU B 19 -3.44 -2.20 20.39
N ALA B 20 -2.99 -1.58 21.49
CA ALA B 20 -3.43 -0.23 21.81
C ALA B 20 -2.97 0.78 20.76
N VAL B 21 -1.75 0.62 20.25
CA VAL B 21 -1.24 1.52 19.22
C VAL B 21 -2.08 1.40 17.95
N TYR B 22 -2.45 0.18 17.59
CA TYR B 22 -3.23 -0.02 16.36
C TYR B 22 -4.57 0.69 16.45
N LEU B 23 -5.27 0.56 17.58
CA LEU B 23 -6.56 1.23 17.75
C LEU B 23 -6.39 2.75 17.75
N LEU B 24 -5.37 3.26 18.43
CA LEU B 24 -5.11 4.71 18.41
C LEU B 24 -4.77 5.19 17.01
N SER B 25 -3.88 4.47 16.31
CA SER B 25 -3.48 4.88 14.97
C SER B 25 -4.65 4.80 13.99
N SER B 26 -5.46 3.75 14.10
CA SER B 26 -6.63 3.62 13.24
C SER B 26 -7.63 4.74 13.51
N GLY B 27 -7.81 5.11 14.77
CA GLY B 27 -8.74 6.19 15.09
C GLY B 27 -8.34 7.51 14.49
N ARG B 28 -7.06 7.86 14.56
CA ARG B 28 -6.57 9.06 13.91
C ARG B 28 -6.68 8.97 12.40
N GLY B 29 -6.33 7.82 11.81
CA GLY B 29 -6.33 7.69 10.37
C GLY B 29 -7.71 7.49 9.78
N LEU B 30 -8.74 7.55 10.63
CA LEU B 30 -10.11 7.52 10.17
C LEU B 30 -10.63 8.88 9.73
N LEU B 31 -9.87 9.94 9.99
CA LEU B 31 -10.23 11.29 9.56
C LEU B 31 -9.79 11.58 8.12
N GLU B 32 -9.02 10.69 7.50
CA GLU B 32 -8.49 10.88 6.16
C GLU B 32 -8.79 9.66 5.29
N GLU B 33 -9.86 8.93 5.63
CA GLU B 33 -10.22 7.70 4.95
C GLU B 33 -11.73 7.64 4.77
N PRO B 34 -12.26 6.76 3.90
CA PRO B 34 -13.71 6.76 3.63
C PRO B 34 -14.56 6.49 4.87
N ALA B 35 -15.87 6.64 4.73
CA ALA B 35 -16.79 6.48 5.85
C ALA B 35 -17.03 5.04 6.25
N ASP B 36 -16.88 4.10 5.31
CA ASP B 36 -17.08 2.66 5.62
C ASP B 36 -15.73 2.02 5.94
N TYR B 37 -14.97 2.63 6.85
CA TYR B 37 -13.68 2.09 7.24
C TYR B 37 -13.57 1.77 8.72
N GLY B 38 -14.38 2.39 9.59
CA GLY B 38 -14.42 1.97 10.97
C GLY B 38 -14.99 0.58 11.17
N ILE B 39 -15.65 0.05 10.14
CA ILE B 39 -16.19 -1.30 10.19
C ILE B 39 -15.08 -2.34 10.22
N TYR B 40 -14.09 -2.17 9.33
CA TYR B 40 -12.99 -3.13 9.24
C TYR B 40 -11.97 -2.93 10.35
N ARG B 41 -11.78 -1.70 10.82
CA ARG B 41 -10.87 -1.46 11.93
C ARG B 41 -11.34 -2.16 13.19
N CYS B 42 -12.64 -2.13 13.45
CA CYS B 42 -13.18 -2.85 14.60
C CYS B 42 -13.18 -4.36 14.35
N THR B 43 -13.49 -4.77 13.12
CA THR B 43 -13.43 -6.19 12.78
C THR B 43 -12.01 -6.72 12.85
N ASP B 44 -11.04 -5.94 12.38
CA ASP B 44 -9.64 -6.34 12.52
C ASP B 44 -9.17 -6.25 13.97
N GLY B 45 -9.76 -5.34 14.75
CA GLY B 45 -9.42 -5.29 16.17
C GLY B 45 -9.91 -6.52 16.92
N ALA B 46 -11.10 -7.00 16.59
CA ALA B 46 -11.60 -8.23 17.20
C ALA B 46 -10.79 -9.43 16.73
N ARG B 47 -10.33 -9.41 15.49
CA ARG B 47 -9.47 -10.48 14.99
C ARG B 47 -8.17 -10.56 15.78
N ARG B 48 -7.59 -9.41 16.10
CA ARG B 48 -6.30 -9.41 16.79
C ARG B 48 -6.42 -9.78 18.26
N ALA B 49 -7.53 -9.44 18.90
CA ALA B 49 -7.74 -9.83 20.29
C ALA B 49 -7.88 -11.34 20.43
N LEU B 50 -8.64 -11.96 19.53
CA LEU B 50 -8.80 -13.42 19.57
C LEU B 50 -7.54 -14.13 19.10
N GLN B 51 -6.81 -13.54 18.15
CA GLN B 51 -5.52 -14.09 17.75
C GLN B 51 -4.54 -14.04 18.91
N LEU B 52 -4.73 -13.10 19.84
CA LEU B 52 -3.88 -13.02 21.02
C LEU B 52 -4.17 -14.18 21.97
N LEU B 53 -5.40 -14.69 21.97
CA LEU B 53 -5.78 -15.72 22.93
C LEU B 53 -5.16 -17.07 22.56
N ASP B 54 -5.37 -17.53 21.33
CA ASP B 54 -4.90 -18.86 20.95
C ASP B 54 -3.39 -18.93 20.77
N GLU B 55 -2.71 -17.79 20.65
CA GLU B 55 -1.25 -17.80 20.62
C GLU B 55 -0.65 -18.07 21.98
N HIS B 56 -1.44 -17.96 23.05
CA HIS B 56 -0.99 -18.30 24.40
C HIS B 56 -1.85 -19.40 25.02
N GLY B 57 -2.60 -20.13 24.20
CA GLY B 57 -3.44 -21.21 24.71
C GLY B 57 -4.65 -20.78 25.50
N GLY B 58 -5.46 -19.86 24.94
CA GLY B 58 -6.65 -19.40 25.63
C GLY B 58 -7.94 -19.54 24.85
N SER B 59 -7.89 -20.24 23.72
CA SER B 59 -9.05 -20.45 22.85
C SER B 59 -9.51 -21.90 23.00
N THR B 60 -10.77 -22.08 23.40
CA THR B 60 -11.21 -23.44 23.74
C THR B 60 -11.65 -24.27 22.53
N ALA B 61 -12.84 -23.98 21.98
CA ALA B 61 -13.25 -24.68 20.77
C ALA B 61 -14.02 -23.78 19.80
N ARG B 62 -14.68 -22.76 20.34
CA ARG B 62 -15.46 -21.84 19.54
C ARG B 62 -14.85 -20.46 19.49
N LEU B 63 -14.00 -20.12 20.46
CA LEU B 63 -13.20 -18.91 20.36
C LEU B 63 -12.26 -18.97 19.16
N THR B 64 -11.96 -20.19 18.69
CA THR B 64 -11.15 -20.40 17.49
C THR B 64 -11.98 -20.34 16.22
N ALA B 65 -13.19 -20.88 16.23
CA ALA B 65 -14.05 -20.89 15.05
C ALA B 65 -14.53 -19.51 14.65
N VAL B 66 -14.46 -18.53 15.55
CA VAL B 66 -14.77 -17.15 15.20
C VAL B 66 -13.55 -16.44 14.61
N ARG B 67 -12.37 -16.66 15.20
CA ARG B 67 -11.15 -16.08 14.65
C ARG B 67 -10.80 -16.65 13.28
N GLU B 68 -11.19 -17.90 12.99
CA GLU B 68 -10.98 -18.45 11.66
C GLU B 68 -11.98 -17.93 10.65
N ARG B 69 -13.22 -17.63 11.06
CA ARG B 69 -14.16 -16.98 10.17
C ARG B 69 -13.87 -15.49 10.01
N LEU B 70 -13.36 -14.86 11.06
CA LEU B 70 -12.90 -13.47 10.93
C LEU B 70 -11.76 -13.36 9.94
N ASP B 71 -10.90 -14.40 9.88
CA ASP B 71 -9.79 -14.39 8.93
C ASP B 71 -10.29 -14.37 7.49
N GLU B 72 -11.29 -15.19 7.17
CA GLU B 72 -11.79 -15.28 5.79
C GLU B 72 -12.41 -13.96 5.35
N VAL B 73 -13.18 -13.32 6.24
CA VAL B 73 -13.81 -12.05 5.89
C VAL B 73 -12.75 -10.97 5.69
N MET B 74 -11.73 -10.95 6.55
CA MET B 74 -10.72 -9.90 6.49
C MET B 74 -9.78 -10.09 5.30
N PHE B 75 -9.40 -11.33 5.00
CA PHE B 75 -8.41 -11.61 3.97
C PHE B 75 -9.01 -11.79 2.59
N ALA B 76 -10.32 -11.61 2.44
CA ALA B 76 -10.93 -11.71 1.13
C ALA B 76 -10.50 -10.53 0.25
N PRO B 77 -10.43 -10.72 -1.06
CA PRO B 77 -10.08 -9.62 -1.96
C PRO B 77 -11.07 -8.47 -1.85
N MET B 78 -10.55 -7.25 -1.93
CA MET B 78 -11.38 -6.06 -1.79
C MET B 78 -12.32 -5.91 -2.98
N GLY B 79 -13.43 -5.21 -2.74
CA GLY B 79 -14.43 -4.97 -3.76
C GLY B 79 -15.58 -5.96 -3.79
N GLU B 80 -15.46 -7.08 -3.07
CA GLU B 80 -16.53 -8.07 -3.04
C GLU B 80 -17.73 -7.52 -2.29
N ASP B 81 -18.93 -7.73 -2.83
CA ASP B 81 -20.16 -7.24 -2.22
C ASP B 81 -20.58 -8.24 -1.14
N ARG B 82 -20.20 -7.94 0.10
CA ARG B 82 -20.51 -8.78 1.25
C ARG B 82 -21.48 -8.05 2.17
N ASP B 83 -22.52 -8.75 2.61
CA ASP B 83 -23.47 -8.18 3.55
C ASP B 83 -22.86 -8.13 4.94
N MET B 84 -22.16 -7.04 5.26
CA MET B 84 -21.43 -6.95 6.51
C MET B 84 -22.36 -7.03 7.72
N GLY B 85 -23.61 -6.58 7.57
CA GLY B 85 -24.54 -6.66 8.68
C GLY B 85 -24.88 -8.09 9.07
N ALA B 86 -25.07 -8.96 8.08
CA ALA B 86 -25.49 -10.33 8.36
C ALA B 86 -24.37 -11.14 9.01
N ILE B 87 -23.14 -11.00 8.50
CA ILE B 87 -22.04 -11.79 9.03
C ILE B 87 -21.66 -11.32 10.44
N LEU B 88 -21.69 -10.00 10.66
CA LEU B 88 -21.40 -9.48 11.99
C LEU B 88 -22.45 -9.95 12.99
N ASP B 89 -23.71 -10.01 12.58
CA ASP B 89 -24.77 -10.51 13.45
C ASP B 89 -24.54 -11.97 13.80
N ASP B 90 -24.13 -12.77 12.83
CA ASP B 90 -23.86 -14.18 13.08
C ASP B 90 -22.68 -14.35 14.03
N LEU B 91 -21.61 -13.58 13.81
CA LEU B 91 -20.42 -13.70 14.64
C LEU B 91 -20.70 -13.25 16.08
N CYS B 92 -21.54 -12.22 16.23
CA CYS B 92 -21.95 -11.81 17.57
C CYS B 92 -22.74 -12.93 18.25
N ARG B 93 -23.61 -13.61 17.50
CA ARG B 93 -24.39 -14.71 18.05
C ARG B 93 -23.48 -15.88 18.46
N GLN B 94 -22.51 -16.22 17.61
CA GLN B 94 -21.60 -17.31 17.94
C GLN B 94 -20.76 -16.99 19.16
N MET B 95 -20.24 -15.76 19.22
CA MET B 95 -19.34 -15.38 20.31
C MET B 95 -20.10 -15.32 21.63
N ALA B 96 -21.38 -14.96 21.58
CA ALA B 96 -22.20 -14.94 22.78
C ALA B 96 -22.39 -16.34 23.34
N ASP B 97 -22.48 -17.34 22.47
CA ASP B 97 -22.64 -18.72 22.92
C ASP B 97 -21.36 -19.30 23.50
N ALA B 98 -20.21 -18.69 23.20
CA ALA B 98 -18.92 -19.21 23.65
C ALA B 98 -18.47 -18.63 24.98
N LEU B 99 -19.04 -17.50 25.40
CA LEU B 99 -18.62 -16.90 26.67
C LEU B 99 -18.86 -17.78 27.89
N PRO B 100 -19.99 -18.48 28.04
CA PRO B 100 -20.17 -19.31 29.25
C PRO B 100 -19.10 -20.37 29.44
N GLU B 101 -18.46 -20.84 28.36
CA GLU B 101 -17.41 -21.84 28.49
C GLU B 101 -16.18 -21.32 29.21
N ILE B 102 -15.95 -20.00 29.19
CA ILE B 102 -14.77 -19.41 29.80
C ILE B 102 -15.14 -18.51 30.97
N GLU B 103 -16.36 -18.61 31.47
CA GLU B 103 -16.83 -17.73 32.53
C GLU B 103 -16.13 -18.05 33.84
N THR B 104 -15.60 -17.02 34.51
CA THR B 104 -14.98 -17.17 35.83
C THR B 104 -16.03 -17.00 36.92
N PRO B 105 -16.15 -17.95 37.84
CA PRO B 105 -17.17 -17.88 38.90
C PRO B 105 -16.86 -16.82 39.95
N LEU C 8 -2.95 -18.99 30.83
CA LEU C 8 -3.45 -17.65 31.13
C LEU C 8 -4.40 -17.69 32.33
N PRO C 9 -4.30 -16.68 33.20
CA PRO C 9 -5.23 -16.61 34.32
C PRO C 9 -6.67 -16.50 33.83
N PRO C 10 -7.61 -17.13 34.53
CA PRO C 10 -9.01 -17.10 34.05
C PRO C 10 -9.60 -15.71 33.94
N GLN C 11 -9.25 -14.80 34.87
CA GLN C 11 -9.74 -13.44 34.76
C GLN C 11 -9.16 -12.73 33.55
N LEU C 12 -7.87 -12.95 33.28
CA LEU C 12 -7.24 -12.36 32.11
C LEU C 12 -7.87 -12.88 30.82
N ARG C 13 -8.15 -14.18 30.78
CA ARG C 13 -8.73 -14.80 29.56
C ARG C 13 -10.08 -14.14 29.27
N GLU C 14 -10.92 -13.94 30.29
CA GLU C 14 -12.20 -13.30 30.10
C GLU C 14 -12.06 -11.88 29.57
N GLU C 15 -11.07 -11.14 30.07
CA GLU C 15 -10.95 -9.73 29.72
C GLU C 15 -10.64 -9.53 28.24
N ILE C 16 -9.78 -10.37 27.67
CA ILE C 16 -9.49 -10.28 26.24
C ILE C 16 -10.72 -10.59 25.41
N ALA C 17 -11.45 -11.65 25.77
CA ALA C 17 -12.62 -12.05 25.00
C ALA C 17 -13.72 -11.01 25.06
N LEU C 18 -13.94 -10.41 26.23
CA LEU C 18 -14.94 -9.36 26.34
C LEU C 18 -14.51 -8.10 25.58
N LEU C 19 -13.20 -7.90 25.41
CA LEU C 19 -12.74 -6.83 24.54
C LEU C 19 -13.07 -7.12 23.08
N ALA C 20 -13.00 -8.40 22.68
CA ALA C 20 -13.34 -8.78 21.31
C ALA C 20 -14.82 -8.53 21.04
N VAL C 21 -15.69 -8.81 22.01
CA VAL C 21 -17.11 -8.57 21.83
C VAL C 21 -17.40 -7.09 21.64
N TYR C 22 -16.72 -6.24 22.41
CA TYR C 22 -16.94 -4.80 22.30
C TYR C 22 -16.60 -4.29 20.90
N LEU C 23 -15.46 -4.72 20.36
CA LEU C 23 -15.06 -4.29 19.02
C LEU C 23 -16.02 -4.82 17.96
N LEU C 24 -16.45 -6.07 18.10
CA LEU C 24 -17.43 -6.62 17.15
C LEU C 24 -18.77 -5.90 17.25
N SER C 25 -19.25 -5.68 18.48
CA SER C 25 -20.53 -5.00 18.66
C SER C 25 -20.47 -3.55 18.19
N SER C 26 -19.37 -2.86 18.46
CA SER C 26 -19.21 -1.49 17.99
C SER C 26 -19.16 -1.44 16.47
N GLY C 27 -18.50 -2.41 15.84
CA GLY C 27 -18.44 -2.42 14.38
C GLY C 27 -19.79 -2.58 13.73
N ARG C 28 -20.63 -3.47 14.26
CA ARG C 28 -21.99 -3.61 13.76
C ARG C 28 -22.82 -2.36 14.06
N GLY C 29 -22.69 -1.78 15.25
CA GLY C 29 -23.52 -0.65 15.61
C GLY C 29 -23.04 0.65 15.02
N LEU C 30 -22.01 0.58 14.17
CA LEU C 30 -21.54 1.74 13.43
C LEU C 30 -22.34 1.98 12.15
N LEU C 31 -23.19 1.03 11.76
CA LEU C 31 -24.06 1.19 10.61
C LEU C 31 -25.35 1.94 10.92
N GLU C 32 -25.61 2.23 12.19
CA GLU C 32 -26.83 2.90 12.62
C GLU C 32 -26.51 4.08 13.52
N GLU C 33 -25.32 4.65 13.35
CA GLU C 33 -24.83 5.73 14.19
C GLU C 33 -24.11 6.76 13.33
N PRO C 34 -23.86 7.99 13.83
CA PRO C 34 -23.26 9.03 12.97
C PRO C 34 -21.89 8.66 12.43
N ALA C 35 -21.37 9.49 11.52
CA ALA C 35 -20.10 9.20 10.86
C ALA C 35 -18.89 9.45 11.74
N ASP C 36 -19.00 10.35 12.71
CA ASP C 36 -17.87 10.65 13.64
C ASP C 36 -18.01 9.80 14.90
N TYR C 37 -18.20 8.49 14.74
CA TYR C 37 -18.32 7.60 15.88
C TYR C 37 -17.27 6.50 15.92
N GLY C 38 -16.68 6.14 14.78
CA GLY C 38 -15.55 5.23 14.82
C GLY C 38 -14.33 5.81 15.49
N ILE C 39 -14.30 7.12 15.68
CA ILE C 39 -13.19 7.79 16.35
C ILE C 39 -13.18 7.42 17.84
N TYR C 40 -14.34 7.48 18.49
CA TYR C 40 -14.41 7.19 19.92
C TYR C 40 -14.38 5.68 20.19
N ARG C 41 -14.90 4.87 19.27
CA ARG C 41 -14.84 3.42 19.47
C ARG C 41 -13.40 2.94 19.47
N CYS C 42 -12.56 3.48 18.58
CA CYS C 42 -11.15 3.13 18.59
C CYS C 42 -10.43 3.75 19.78
N THR C 43 -10.79 4.99 20.14
CA THR C 43 -10.20 5.63 21.31
C THR C 43 -10.60 4.90 22.59
N ASP C 44 -11.85 4.46 22.69
CA ASP C 44 -12.28 3.66 23.83
C ASP C 44 -11.68 2.26 23.78
N GLY C 45 -11.42 1.74 22.59
CA GLY C 45 -10.74 0.45 22.49
C GLY C 45 -9.31 0.52 22.99
N ALA C 46 -8.60 1.60 22.67
CA ALA C 46 -7.24 1.78 23.17
C ALA C 46 -7.26 2.02 24.68
N ARG C 47 -8.30 2.68 25.19
CA ARG C 47 -8.43 2.88 26.63
C ARG C 47 -8.58 1.55 27.36
N ARG C 48 -9.35 0.62 26.78
CA ARG C 48 -9.61 -0.65 27.44
C ARG C 48 -8.42 -1.58 27.39
N ALA C 49 -7.63 -1.52 26.32
CA ALA C 49 -6.44 -2.36 26.23
C ALA C 49 -5.40 -1.94 27.27
N LEU C 50 -5.19 -0.64 27.43
CA LEU C 50 -4.24 -0.16 28.43
C LEU C 50 -4.78 -0.32 29.85
N GLN C 51 -6.10 -0.19 30.02
CA GLN C 51 -6.71 -0.48 31.32
C GLN C 51 -6.53 -1.95 31.68
N LEU C 52 -6.40 -2.81 30.68
CA LEU C 52 -6.16 -4.22 30.93
C LEU C 52 -4.75 -4.46 31.45
N LEU C 53 -3.80 -3.60 31.07
CA LEU C 53 -2.41 -3.80 31.45
C LEU C 53 -2.18 -3.50 32.92
N ASP C 54 -2.57 -2.31 33.38
CA ASP C 54 -2.28 -1.90 34.74
C ASP C 54 -3.14 -2.62 35.77
N GLU C 55 -4.24 -3.26 35.35
CA GLU C 55 -5.02 -4.07 36.27
C GLU C 55 -4.33 -5.38 36.60
N HIS C 56 -3.31 -5.77 35.83
CA HIS C 56 -2.52 -6.96 36.11
C HIS C 56 -1.05 -6.62 36.29
N GLY C 57 -0.73 -5.35 36.54
CA GLY C 57 0.66 -4.94 36.75
C GLY C 57 1.53 -4.96 35.52
N GLY C 58 1.08 -4.34 34.42
CA GLY C 58 1.86 -4.31 33.20
C GLY C 58 2.14 -2.92 32.66
N SER C 59 1.82 -1.89 33.43
CA SER C 59 2.01 -0.49 33.03
C SER C 59 3.19 0.07 33.80
N THR C 60 4.22 0.56 33.09
CA THR C 60 5.44 0.94 33.78
C THR C 60 5.41 2.35 34.37
N ALA C 61 5.53 3.38 33.53
CA ALA C 61 5.40 4.76 34.02
C ALA C 61 4.69 5.66 33.04
N ARG C 62 4.78 5.35 31.74
CA ARG C 62 4.15 6.16 30.70
C ARG C 62 2.99 5.44 30.04
N LEU C 63 2.95 4.11 30.15
CA LEU C 63 1.76 3.37 29.73
C LEU C 63 0.57 3.76 30.58
N THR C 64 0.81 4.29 31.78
CA THR C 64 -0.23 4.79 32.66
C THR C 64 -0.62 6.23 32.34
N ALA C 65 0.35 7.08 32.00
CA ALA C 65 0.07 8.48 31.70
C ALA C 65 -0.73 8.66 30.42
N VAL C 66 -0.78 7.66 29.55
CA VAL C 66 -1.63 7.71 28.37
C VAL C 66 -3.05 7.25 28.70
N ARG C 67 -3.18 6.18 29.49
CA ARG C 67 -4.49 5.72 29.91
C ARG C 67 -5.20 6.73 30.81
N GLU C 68 -4.46 7.53 31.58
CA GLU C 68 -5.05 8.58 32.37
C GLU C 68 -5.47 9.79 31.54
N ARG C 69 -4.74 10.10 30.47
CA ARG C 69 -5.16 11.14 29.55
C ARG C 69 -6.29 10.67 28.64
N LEU C 70 -6.28 9.39 28.27
CA LEU C 70 -7.41 8.81 27.52
C LEU C 70 -8.68 8.88 28.35
N ASP C 71 -8.57 8.73 29.67
CA ASP C 71 -9.75 8.81 30.53
C ASP C 71 -10.39 10.19 30.47
N GLU C 72 -9.58 11.25 30.54
CA GLU C 72 -10.12 12.61 30.54
C GLU C 72 -10.83 12.93 29.23
N VAL C 73 -10.25 12.52 28.10
CA VAL C 73 -10.88 12.78 26.81
C VAL C 73 -12.18 12.00 26.69
N MET C 74 -12.20 10.75 27.14
CA MET C 74 -13.38 9.91 26.99
C MET C 74 -14.50 10.33 27.94
N PHE C 75 -14.17 10.69 29.17
CA PHE C 75 -15.16 10.98 30.19
C PHE C 75 -15.60 12.44 30.21
N ALA C 76 -15.11 13.25 29.29
CA ALA C 76 -15.54 14.64 29.22
C ALA C 76 -17.00 14.72 28.76
N PRO C 77 -17.73 15.74 29.19
CA PRO C 77 -19.12 15.90 28.73
C PRO C 77 -19.20 16.06 27.22
N MET C 78 -20.24 15.48 26.64
CA MET C 78 -20.39 15.50 25.19
C MET C 78 -20.72 16.91 24.71
N GLY C 79 -20.40 17.17 23.44
CA GLY C 79 -20.65 18.46 22.82
C GLY C 79 -19.48 19.43 22.87
N GLU C 80 -18.45 19.14 23.67
CA GLU C 80 -17.30 20.02 23.74
C GLU C 80 -16.51 19.97 22.44
N ASP C 81 -16.10 21.15 21.96
CA ASP C 81 -15.34 21.26 20.71
C ASP C 81 -13.88 20.97 21.01
N ARG C 82 -13.48 19.72 20.79
CA ARG C 82 -12.12 19.27 21.02
C ARG C 82 -11.47 18.92 19.69
N ASP C 83 -10.24 19.38 19.50
CA ASP C 83 -9.48 19.05 18.29
C ASP C 83 -8.98 17.62 18.38
N MET C 84 -9.78 16.66 17.92
CA MET C 84 -9.43 15.25 18.08
C MET C 84 -8.15 14.90 17.34
N GLY C 85 -7.84 15.61 16.26
CA GLY C 85 -6.62 15.32 15.53
C GLY C 85 -5.37 15.64 16.33
N ALA C 86 -5.38 16.75 17.06
CA ALA C 86 -4.19 17.18 17.79
C ALA C 86 -3.91 16.25 18.97
N ILE C 87 -4.95 15.89 19.73
CA ILE C 87 -4.74 15.08 20.92
C ILE C 87 -4.34 13.66 20.53
N LEU C 88 -4.95 13.12 19.47
CA LEU C 88 -4.58 11.79 19.00
C LEU C 88 -3.13 11.76 18.53
N ASP C 89 -2.69 12.83 17.86
CA ASP C 89 -1.30 12.93 17.42
C ASP C 89 -0.35 12.93 18.62
N ASP C 90 -0.71 13.68 19.67
CA ASP C 90 0.13 13.74 20.86
C ASP C 90 0.18 12.37 21.54
N LEU C 91 -0.97 11.70 21.67
CA LEU C 91 -1.00 10.41 22.34
C LEU C 91 -0.22 9.36 21.55
N CYS C 92 -0.29 9.42 20.22
CA CYS C 92 0.53 8.53 19.41
C CYS C 92 2.01 8.79 19.64
N ARG C 93 2.40 10.06 19.76
CA ARG C 93 3.78 10.40 20.01
C ARG C 93 4.25 9.91 21.38
N GLN C 94 3.40 10.08 22.40
CA GLN C 94 3.76 9.63 23.74
C GLN C 94 3.88 8.11 23.79
N MET C 95 2.93 7.41 23.18
CA MET C 95 2.92 5.95 23.24
C MET C 95 4.10 5.36 22.48
N ALA C 96 4.53 6.04 21.42
CA ALA C 96 5.70 5.60 20.67
C ALA C 96 6.96 5.67 21.52
N ASP C 97 7.05 6.69 22.38
CA ASP C 97 8.22 6.84 23.25
C ASP C 97 8.24 5.81 24.37
N ALA C 98 7.09 5.21 24.68
CA ALA C 98 7.00 4.27 25.80
C ALA C 98 7.23 2.82 25.39
N LEU C 99 7.15 2.51 24.10
CA LEU C 99 7.36 1.13 23.66
C LEU C 99 8.76 0.58 23.96
N PRO C 100 9.86 1.32 23.77
CA PRO C 100 11.18 0.74 24.06
C PRO C 100 11.35 0.29 25.50
N GLU C 101 10.62 0.87 26.45
CA GLU C 101 10.73 0.46 27.84
C GLU C 101 10.22 -0.95 28.07
N ILE C 102 9.33 -1.45 27.22
CA ILE C 102 8.73 -2.78 27.40
C ILE C 102 9.13 -3.71 26.25
N GLU C 103 10.15 -3.35 25.48
CA GLU C 103 10.53 -4.15 24.33
C GLU C 103 11.16 -5.47 24.77
N THR C 104 10.71 -6.57 24.18
CA THR C 104 11.27 -7.89 24.44
C THR C 104 12.41 -8.16 23.45
N PRO C 105 13.61 -8.53 23.93
CA PRO C 105 14.76 -8.76 23.05
C PRO C 105 14.62 -10.04 22.24
N SER D 13 12.83 -23.72 -12.95
CA SER D 13 13.74 -22.79 -13.69
C SER D 13 13.23 -21.36 -13.56
N LEU D 14 14.05 -20.37 -13.91
CA LEU D 14 13.60 -18.98 -13.69
C LEU D 14 12.35 -18.75 -14.55
N PRO D 15 11.30 -18.08 -14.04
CA PRO D 15 10.04 -17.94 -14.78
C PRO D 15 10.09 -17.04 -16.02
N ASP D 16 9.34 -17.39 -17.06
CA ASP D 16 9.26 -16.51 -18.26
C ASP D 16 8.57 -15.23 -17.80
N ALA D 17 8.98 -14.09 -18.31
CA ALA D 17 8.44 -12.81 -17.77
C ALA D 17 6.92 -12.70 -17.97
N TRP D 18 6.40 -13.08 -19.13
CA TRP D 18 4.95 -12.82 -19.39
C TRP D 18 4.02 -13.56 -18.42
N THR D 19 4.30 -14.82 -18.10
CA THR D 19 3.44 -15.52 -17.12
C THR D 19 3.54 -14.82 -15.75
N VAL D 20 4.75 -14.43 -15.38
CA VAL D 20 4.95 -13.78 -14.05
C VAL D 20 4.20 -12.45 -14.01
N LEU D 21 4.23 -11.66 -15.08
CA LEU D 21 3.60 -10.32 -14.96
C LEU D 21 2.09 -10.44 -14.69
N LYS D 22 1.39 -11.31 -15.43
CA LYS D 22 -0.08 -11.52 -15.24
C LYS D 22 -0.43 -12.11 -13.87
N THR D 23 0.34 -13.08 -13.38
CA THR D 23 0.06 -13.79 -12.09
C THR D 23 0.23 -13.01 -10.77
N ARG D 24 0.95 -11.89 -10.75
CA ARG D 24 1.26 -11.17 -9.48
C ARG D 24 -0.06 -10.75 -8.83
N THR D 25 -0.31 -11.18 -7.60
CA THR D 25 -1.49 -10.76 -6.83
C THR D 25 -1.04 -10.26 -5.47
N ALA D 26 -1.81 -9.33 -4.92
CA ALA D 26 -1.53 -8.81 -3.59
C ALA D 26 -1.63 -9.93 -2.58
N VAL D 27 -0.58 -10.09 -1.78
CA VAL D 27 -0.51 -11.12 -0.75
C VAL D 27 -0.59 -10.45 0.60
N ARG D 28 -1.55 -10.87 1.42
CA ARG D 28 -1.74 -10.32 2.75
C ARG D 28 -1.61 -11.36 3.85
N ASN D 29 -1.56 -12.64 3.52
CA ASN D 29 -1.27 -13.69 4.48
C ASN D 29 0.14 -14.22 4.22
N TYR D 30 1.04 -14.00 5.17
CA TYR D 30 2.42 -14.41 5.05
C TYR D 30 2.75 -15.47 6.09
N ALA D 31 3.66 -16.37 5.74
CA ALA D 31 4.05 -17.47 6.61
C ALA D 31 5.25 -17.08 7.46
N LYS D 32 5.44 -17.82 8.56
CA LYS D 32 6.46 -17.51 9.55
C LYS D 32 7.88 -17.76 9.05
N GLU D 33 8.06 -18.56 8.01
CA GLU D 33 9.40 -18.89 7.54
C GLU D 33 10.12 -17.63 7.05
N PRO D 34 11.30 -17.31 7.59
CA PRO D 34 11.97 -16.06 7.21
C PRO D 34 12.67 -16.15 5.87
N VAL D 35 13.08 -14.99 5.38
CA VAL D 35 13.77 -14.87 4.10
C VAL D 35 15.24 -14.54 4.38
N ASP D 36 16.14 -15.30 3.76
CA ASP D 36 17.56 -15.12 3.99
C ASP D 36 18.08 -13.84 3.32
N ASP D 37 19.27 -13.40 3.77
CA ASP D 37 19.76 -12.08 3.41
C ASP D 37 20.14 -11.98 1.94
N ALA D 38 20.69 -13.06 1.36
CA ALA D 38 21.11 -13.01 -0.03
C ALA D 38 19.93 -12.74 -0.96
N LEU D 39 18.79 -13.38 -0.69
CA LEU D 39 17.59 -13.12 -1.47
C LEU D 39 17.12 -11.68 -1.32
N ILE D 40 17.20 -11.14 -0.10
CA ILE D 40 16.80 -9.75 0.12
C ILE D 40 17.68 -8.81 -0.69
N GLU D 41 18.98 -9.04 -0.66
CA GLU D 41 19.90 -8.20 -1.43
C GLU D 41 19.64 -8.32 -2.92
N GLN D 42 19.34 -9.53 -3.41
CA GLN D 42 19.10 -9.70 -4.84
C GLN D 42 17.81 -9.01 -5.26
N LEU D 43 16.77 -9.09 -4.44
CA LEU D 43 15.52 -8.37 -4.72
C LEU D 43 15.74 -6.87 -4.70
N LEU D 44 16.53 -6.35 -3.76
CA LEU D 44 16.81 -4.93 -3.71
C LEU D 44 17.62 -4.48 -4.92
N GLU D 45 18.56 -5.31 -5.39
CA GLU D 45 19.29 -5.00 -6.61
C GLU D 45 18.38 -5.00 -7.82
N ALA D 46 17.40 -5.92 -7.87
CA ALA D 46 16.49 -5.95 -9.01
C ALA D 46 15.54 -4.75 -9.02
N MET D 47 15.22 -4.21 -7.84
CA MET D 47 14.23 -3.15 -7.75
C MET D 47 14.79 -1.76 -8.00
N LEU D 48 16.12 -1.61 -8.06
CA LEU D 48 16.70 -0.29 -8.28
C LEU D 48 16.85 0.04 -9.77
N ALA D 49 16.48 -0.86 -10.66
CA ALA D 49 16.62 -0.65 -12.10
C ALA D 49 15.46 0.14 -12.69
N ALA D 50 14.58 0.69 -11.86
CA ALA D 50 13.45 1.45 -12.34
C ALA D 50 13.90 2.76 -12.99
N PRO D 51 13.09 3.32 -13.89
CA PRO D 51 13.43 4.64 -14.45
C PRO D 51 13.31 5.73 -13.41
N THR D 52 14.13 6.77 -13.57
CA THR D 52 14.07 7.95 -12.72
C THR D 52 14.21 9.19 -13.60
N ALA D 53 13.52 10.25 -13.19
CA ALA D 53 13.41 11.45 -14.02
C ALA D 53 14.77 12.12 -14.18
N SER D 54 15.23 12.21 -15.44
CA SER D 54 16.50 12.86 -15.77
C SER D 54 17.68 12.22 -15.07
N ASN D 55 17.56 10.92 -14.76
CA ASN D 55 18.59 10.13 -14.08
C ASN D 55 18.98 10.74 -12.74
N ARG D 56 18.06 11.46 -12.09
CA ARG D 56 18.36 12.15 -10.84
C ARG D 56 18.42 11.21 -9.65
N GLN D 57 17.58 10.18 -9.63
CA GLN D 57 17.50 9.22 -8.52
C GLN D 57 17.22 9.93 -7.20
N ALA D 58 16.17 10.75 -7.20
CA ALA D 58 15.75 11.47 -5.99
C ALA D 58 14.82 10.59 -5.15
N TRP D 59 15.40 9.55 -4.56
CA TRP D 59 14.65 8.61 -3.74
C TRP D 59 15.53 8.06 -2.64
N SER D 60 14.88 7.54 -1.60
CA SER D 60 15.55 6.82 -0.54
C SER D 60 14.72 5.59 -0.19
N PHE D 61 15.39 4.54 0.25
CA PHE D 61 14.67 3.31 0.63
C PHE D 61 15.26 2.83 1.97
N MET D 62 14.49 2.02 2.70
CA MET D 62 15.00 1.46 3.98
C MET D 62 14.52 0.02 4.12
N VAL D 63 15.36 -0.86 4.69
CA VAL D 63 14.95 -2.28 4.92
C VAL D 63 14.86 -2.55 6.43
N VAL D 64 13.68 -2.92 6.93
CA VAL D 64 13.43 -3.28 8.32
C VAL D 64 13.06 -4.75 8.35
N ARG D 65 13.75 -5.55 9.16
CA ARG D 65 13.52 -7.00 9.20
C ARG D 65 13.72 -7.63 10.62
N ARG D 66 14.23 -6.83 11.57
CA ARG D 66 14.48 -7.36 12.90
C ARG D 66 13.09 -7.71 13.44
N PRO D 67 12.94 -8.85 14.12
CA PRO D 67 11.60 -9.30 14.52
C PRO D 67 10.82 -8.31 15.38
N ALA D 68 11.48 -7.48 16.18
CA ALA D 68 10.76 -6.49 16.96
C ALA D 68 10.37 -5.26 16.16
N ALA D 69 11.26 -4.79 15.27
CA ALA D 69 11.00 -3.56 14.52
C ALA D 69 9.90 -3.76 13.49
N VAL D 70 9.79 -4.95 12.92
CA VAL D 70 8.74 -5.20 11.92
C VAL D 70 7.37 -5.15 12.58
N ARG D 71 7.26 -5.73 13.78
CA ARG D 71 6.00 -5.67 14.52
C ARG D 71 5.71 -4.30 15.08
N ARG D 72 6.72 -3.49 15.40
CA ARG D 72 6.41 -2.11 15.87
C ARG D 72 6.01 -1.22 14.70
N LEU D 73 6.62 -1.42 13.52
CA LEU D 73 6.16 -0.65 12.37
C LEU D 73 4.78 -1.12 11.89
N ARG D 74 4.45 -2.39 12.10
CA ARG D 74 3.16 -2.90 11.65
C ARG D 74 2.01 -2.24 12.40
N ALA D 75 2.19 -1.96 13.69
CA ALA D 75 1.12 -1.37 14.47
C ALA D 75 0.75 0.02 13.95
N PHE D 76 1.74 0.84 13.62
CA PHE D 76 1.50 2.18 13.10
C PHE D 76 1.13 2.19 11.63
N SER D 77 0.89 1.02 11.03
CA SER D 77 0.47 0.89 9.64
C SER D 77 -0.81 0.07 9.61
N PRO D 78 -1.97 0.71 9.86
CA PRO D 78 -3.22 -0.06 9.97
C PRO D 78 -3.61 -0.78 8.69
N GLY D 79 -3.13 -0.34 7.53
CA GLY D 79 -3.48 -0.99 6.28
C GLY D 79 -2.75 -2.28 6.01
N VAL D 80 -1.78 -2.64 6.84
CA VAL D 80 -1.00 -3.86 6.67
C VAL D 80 -1.68 -4.99 7.43
N LEU D 81 -1.98 -6.09 6.73
CA LEU D 81 -2.53 -7.29 7.33
C LEU D 81 -1.50 -8.41 7.26
N GLY D 82 -1.44 -9.21 8.32
CA GLY D 82 -0.46 -10.27 8.41
C GLY D 82 0.92 -9.76 8.75
N THR D 83 1.78 -10.62 9.29
CA THR D 83 3.12 -10.23 9.71
C THR D 83 4.14 -10.73 8.70
N PRO D 84 4.78 -9.84 7.94
CA PRO D 84 5.68 -10.25 6.87
C PRO D 84 7.05 -10.63 7.40
N ALA D 85 7.91 -11.09 6.49
CA ALA D 85 9.29 -11.37 6.84
C ALA D 85 10.09 -10.08 7.03
N PHE D 86 9.93 -9.12 6.13
CA PHE D 86 10.65 -7.86 6.25
C PHE D 86 9.87 -6.75 5.55
N PHE D 87 10.24 -5.51 5.88
CA PHE D 87 9.58 -4.32 5.39
C PHE D 87 10.54 -3.48 4.55
N VAL D 88 10.05 -2.97 3.44
CA VAL D 88 10.78 -2.03 2.60
C VAL D 88 9.98 -0.74 2.53
N VAL D 89 10.59 0.37 2.93
CA VAL D 89 9.93 1.67 2.95
C VAL D 89 10.56 2.55 1.88
N ALA D 90 9.73 3.05 0.97
CA ALA D 90 10.20 3.86 -0.16
C ALA D 90 9.83 5.32 0.06
N CYS D 91 10.82 6.20 -0.11
CA CYS D 91 10.64 7.62 0.15
C CYS D 91 11.14 8.42 -1.05
N VAL D 92 10.73 9.69 -1.11
CA VAL D 92 11.19 10.62 -2.13
C VAL D 92 12.12 11.64 -1.49
N ASP D 93 13.32 11.78 -2.06
CA ASP D 93 14.36 12.64 -1.52
C ASP D 93 14.11 14.04 -2.09
N ARG D 94 13.71 14.97 -1.23
CA ARG D 94 13.32 16.30 -1.69
C ARG D 94 14.51 17.23 -1.84
N SER D 95 15.68 16.85 -1.31
CA SER D 95 16.87 17.68 -1.43
C SER D 95 17.22 17.99 -2.89
N LEU D 96 17.05 17.00 -3.77
CA LEU D 96 17.44 17.13 -5.17
C LEU D 96 16.28 17.51 -6.08
N THR D 97 15.29 18.26 -5.59
CA THR D 97 14.18 18.66 -6.44
C THR D 97 13.74 20.11 -6.25
N ASP D 98 14.33 20.86 -5.33
CA ASP D 98 13.99 22.28 -5.15
C ASP D 98 14.83 23.14 -6.08
N ASN D 99 14.17 24.08 -6.76
CA ASN D 99 14.84 25.03 -7.63
C ASN D 99 13.89 26.19 -7.92
N LEU D 100 14.49 27.36 -8.15
CA LEU D 100 13.83 28.61 -8.54
C LEU D 100 12.48 28.76 -7.82
N SER D 101 11.42 29.03 -8.56
CA SER D 101 10.09 29.28 -8.01
C SER D 101 9.47 28.00 -7.48
N PRO D 102 8.52 28.10 -6.55
CA PRO D 102 7.82 26.89 -6.07
C PRO D 102 7.02 26.16 -7.14
N LYS D 103 6.67 26.81 -8.25
CA LYS D 103 5.99 26.14 -9.34
C LYS D 103 6.85 25.02 -9.91
N LEU D 104 8.12 25.33 -10.20
CA LEU D 104 9.04 24.30 -10.67
C LEU D 104 9.26 23.24 -9.60
N SER D 105 9.26 23.64 -8.32
CA SER D 105 9.37 22.66 -7.25
C SER D 105 8.22 21.66 -7.25
N GLN D 106 6.99 22.13 -7.42
CA GLN D 106 5.85 21.22 -7.51
C GLN D 106 5.96 20.32 -8.75
N LYS D 107 6.35 20.92 -9.88
CA LYS D 107 6.47 20.19 -11.13
C LYS D 107 7.48 19.05 -11.04
N ILE D 108 8.62 19.29 -10.40
CA ILE D 108 9.67 18.29 -10.28
C ILE D 108 9.52 17.49 -9.00
N TYR D 109 8.52 17.80 -8.18
CA TYR D 109 8.24 17.03 -6.97
C TYR D 109 7.14 16.00 -7.15
N ASP D 110 6.16 16.23 -8.03
CA ASP D 110 5.19 15.18 -8.36
C ASP D 110 5.82 14.10 -9.21
N THR D 111 6.61 14.52 -10.22
CA THR D 111 7.33 13.61 -11.10
C THR D 111 8.27 12.71 -10.31
N SER D 112 8.83 13.24 -9.22
CA SER D 112 9.73 12.45 -8.39
C SER D 112 9.03 11.25 -7.78
N LYS D 113 7.80 11.43 -7.31
CA LYS D 113 7.00 10.36 -6.73
C LYS D 113 6.48 9.38 -7.78
N LEU D 114 6.15 9.91 -8.97
CA LEU D 114 5.75 9.04 -10.06
C LEU D 114 6.82 8.01 -10.40
N CYS D 115 8.10 8.39 -10.27
CA CYS D 115 9.17 7.43 -10.51
C CYS D 115 9.43 6.51 -9.32
N VAL D 116 9.14 6.95 -8.09
CA VAL D 116 9.30 6.08 -6.94
C VAL D 116 8.29 4.94 -6.95
N ALA D 117 7.07 5.19 -7.43
CA ALA D 117 6.09 4.09 -7.51
C ALA D 117 6.56 2.95 -8.41
N MET D 118 7.27 3.26 -9.49
CA MET D 118 7.78 2.24 -10.40
C MET D 118 8.76 1.30 -9.70
N ALA D 119 9.60 1.84 -8.81
CA ALA D 119 10.54 1.00 -8.06
C ALA D 119 9.81 0.02 -7.17
N VAL D 120 8.74 0.45 -6.52
CA VAL D 120 7.92 -0.44 -5.70
C VAL D 120 7.32 -1.55 -6.56
N GLU D 121 6.82 -1.18 -7.75
CA GLU D 121 6.27 -2.19 -8.65
C GLU D 121 7.33 -3.23 -9.03
N ASN D 122 8.54 -2.77 -9.36
CA ASN D 122 9.65 -3.66 -9.67
C ASN D 122 9.96 -4.58 -8.50
N LEU D 123 9.94 -4.03 -7.29
CA LEU D 123 10.22 -4.83 -6.09
C LEU D 123 9.19 -5.94 -5.93
N LEU D 124 7.91 -5.60 -6.09
CA LEU D 124 6.87 -6.62 -5.94
C LEU D 124 6.99 -7.70 -7.02
N LEU D 125 7.30 -7.29 -8.26
CA LEU D 125 7.47 -8.28 -9.33
C LEU D 125 8.64 -9.22 -9.02
N ALA D 126 9.75 -8.67 -8.56
CA ALA D 126 10.92 -9.46 -8.19
C ALA D 126 10.65 -10.39 -7.01
N ALA D 127 9.86 -9.94 -6.05
CA ALA D 127 9.59 -10.75 -4.86
C ALA D 127 8.49 -11.77 -5.13
N HIS D 128 7.75 -11.60 -6.21
CA HIS D 128 6.75 -12.60 -6.57
C HIS D 128 7.39 -13.68 -7.44
N ALA D 129 8.32 -13.28 -8.31
CA ALA D 129 9.04 -14.23 -9.14
C ALA D 129 9.83 -15.23 -8.30
N ALA D 130 10.18 -14.85 -7.07
CA ALA D 130 10.97 -15.70 -6.18
C ALA D 130 10.13 -16.61 -5.30
N GLY D 131 8.80 -16.53 -5.39
CA GLY D 131 7.94 -17.35 -4.56
C GLY D 131 7.42 -16.69 -3.31
N LEU D 132 7.63 -15.39 -3.15
CA LEU D 132 7.14 -14.64 -2.00
C LEU D 132 5.92 -13.82 -2.42
N GLY D 133 5.47 -12.93 -1.53
CA GLY D 133 4.33 -12.08 -1.85
C GLY D 133 4.50 -10.72 -1.22
N GLY D 134 3.72 -9.76 -1.73
CA GLY D 134 3.78 -8.41 -1.22
C GLY D 134 2.61 -7.58 -1.70
N CYS D 135 2.42 -6.45 -1.02
CA CYS D 135 1.31 -5.54 -1.31
C CYS D 135 1.66 -4.12 -0.87
N PRO D 136 1.60 -3.14 -1.76
CA PRO D 136 1.88 -1.75 -1.34
C PRO D 136 0.80 -1.23 -0.40
N VAL D 137 1.22 -0.54 0.65
CA VAL D 137 0.30 0.00 1.65
C VAL D 137 0.57 1.49 1.79
N GLY D 138 -0.47 2.29 1.61
CA GLY D 138 -0.34 3.74 1.68
C GLY D 138 -0.96 4.37 2.91
N SER D 139 -1.76 3.62 3.65
CA SER D 139 -2.44 4.13 4.84
C SER D 139 -1.57 3.86 6.05
N PHE D 140 -0.73 4.83 6.40
CA PHE D 140 0.17 4.71 7.54
C PHE D 140 0.40 6.09 8.16
N ARG D 141 0.87 6.08 9.40
CA ARG D 141 1.17 7.31 10.13
C ARG D 141 2.56 7.79 9.71
N SER D 142 2.61 8.83 8.88
CA SER D 142 3.86 9.29 8.29
C SER D 142 4.87 9.80 9.32
N ASP D 143 4.44 10.72 10.18
CA ASP D 143 5.34 11.36 11.14
C ASP D 143 5.94 10.38 12.13
N ILE D 144 5.16 9.41 12.57
CA ILE D 144 5.64 8.48 13.60
C ILE D 144 6.77 7.62 13.06
N VAL D 145 6.63 7.10 11.83
CA VAL D 145 7.70 6.29 11.27
C VAL D 145 8.92 7.13 10.94
N THR D 146 8.72 8.39 10.55
CA THR D 146 9.85 9.29 10.32
C THR D 146 10.64 9.51 11.60
N SER D 147 9.94 9.70 12.72
CA SER D 147 10.63 9.84 14.00
C SER D 147 11.30 8.53 14.42
N MET D 148 10.62 7.40 14.20
CA MET D 148 11.15 6.10 14.69
C MET D 148 12.40 5.68 13.92
N LEU D 149 12.42 5.88 12.60
CA LEU D 149 13.53 5.43 11.80
C LEU D 149 14.65 6.46 11.68
N GLY D 150 14.47 7.65 12.25
CA GLY D 150 15.49 8.67 12.15
C GLY D 150 15.58 9.33 10.79
N ILE D 151 14.51 9.28 10.01
CA ILE D 151 14.53 9.83 8.65
C ILE D 151 14.57 11.35 8.73
N PRO D 152 15.51 12.01 8.05
CA PRO D 152 15.60 13.48 8.12
C PRO D 152 14.34 14.15 7.57
N GLU D 153 14.31 15.48 7.70
CA GLU D 153 13.12 16.24 7.35
C GLU D 153 12.96 16.38 5.85
N HIS D 154 14.06 16.36 5.10
CA HIS D 154 13.99 16.55 3.65
C HIS D 154 13.64 15.27 2.90
N ILE D 155 13.39 14.17 3.61
CA ILE D 155 13.03 12.90 3.00
C ILE D 155 11.62 12.55 3.45
N GLU D 156 10.72 12.35 2.49
CA GLU D 156 9.29 12.16 2.77
C GLU D 156 8.86 10.72 2.47
N PRO D 157 8.47 9.94 3.48
CA PRO D 157 7.98 8.58 3.20
C PRO D 157 6.71 8.61 2.36
N MET D 158 6.61 7.63 1.45
CA MET D 158 5.45 7.53 0.57
C MET D 158 4.70 6.22 0.70
N LEU D 159 5.39 5.09 0.62
CA LEU D 159 4.73 3.79 0.55
C LEU D 159 5.49 2.79 1.41
N VAL D 160 4.75 1.98 2.16
CA VAL D 160 5.29 0.92 2.99
C VAL D 160 4.81 -0.40 2.40
N VAL D 161 5.75 -1.25 2.01
CA VAL D 161 5.40 -2.51 1.34
C VAL D 161 5.94 -3.68 2.16
N PRO D 162 5.10 -4.63 2.57
CA PRO D 162 5.60 -5.85 3.20
C PRO D 162 5.91 -6.91 2.17
N ILE D 163 6.93 -7.73 2.47
CA ILE D 163 7.33 -8.83 1.60
C ILE D 163 7.44 -10.09 2.45
N GLY D 164 6.93 -11.20 1.93
CA GLY D 164 7.01 -12.46 2.64
C GLY D 164 6.43 -13.60 1.82
N ARG D 165 6.54 -14.79 2.37
CA ARG D 165 6.05 -16.00 1.71
C ARG D 165 4.55 -16.15 1.94
N PRO D 166 3.75 -16.33 0.89
CA PRO D 166 2.29 -16.47 1.09
C PRO D 166 1.97 -17.69 1.96
N ALA D 167 0.99 -17.51 2.84
CA ALA D 167 0.59 -18.60 3.74
C ALA D 167 -0.47 -19.50 3.12
N THR D 168 -1.35 -18.95 2.28
CA THR D 168 -2.39 -19.70 1.61
C THR D 168 -2.21 -19.55 0.10
N ALA D 169 -3.07 -20.25 -0.65
CA ALA D 169 -2.99 -20.20 -2.11
C ALA D 169 -3.38 -18.83 -2.62
N LEU D 170 -2.80 -18.45 -3.77
CA LEU D 170 -3.11 -17.17 -4.39
C LEU D 170 -4.49 -17.20 -5.03
N VAL D 171 -5.18 -16.07 -4.96
CA VAL D 171 -6.52 -15.93 -5.52
C VAL D 171 -6.59 -14.62 -6.31
N PRO D 172 -6.84 -14.69 -7.62
CA PRO D 172 -6.93 -13.44 -8.41
C PRO D 172 -8.09 -12.56 -8.00
N SER D 173 -8.13 -11.34 -8.51
CA SER D 173 -9.17 -10.37 -8.22
C SER D 173 -10.15 -10.29 -9.39
N GLN D 174 -11.19 -9.50 -9.22
CA GLN D 174 -12.20 -9.27 -10.26
C GLN D 174 -11.99 -7.89 -10.84
N ARG D 175 -11.79 -7.83 -12.15
CA ARG D 175 -11.45 -6.59 -12.84
C ARG D 175 -12.44 -6.33 -13.96
N ARG D 176 -12.72 -5.06 -14.22
CA ARG D 176 -13.58 -4.64 -15.33
C ARG D 176 -13.02 -5.15 -16.65
N ALA D 177 -13.89 -5.39 -17.62
CA ALA D 177 -13.47 -5.92 -18.91
C ALA D 177 -12.58 -4.91 -19.63
N LYS D 178 -11.74 -5.39 -20.53
CA LYS D 178 -10.80 -4.53 -21.25
C LYS D 178 -11.51 -3.39 -21.94
N ASN D 179 -12.66 -3.68 -22.53
CA ASN D 179 -13.42 -2.62 -23.23
C ASN D 179 -13.63 -1.43 -22.28
N GLU D 180 -14.03 -1.67 -21.03
CA GLU D 180 -14.43 -0.51 -20.20
C GLU D 180 -13.29 0.52 -19.97
N VAL D 181 -12.05 0.09 -19.72
CA VAL D 181 -10.97 1.06 -19.38
C VAL D 181 -10.08 1.43 -20.57
N VAL D 182 -10.29 0.91 -21.78
CA VAL D 182 -9.32 1.17 -22.88
C VAL D 182 -10.03 1.62 -24.17
N ASN D 183 -9.55 2.71 -24.80
CA ASN D 183 -10.17 3.23 -26.01
C ASN D 183 -9.13 3.38 -27.10
N TYR D 184 -9.54 3.21 -28.35
CA TYR D 184 -8.64 3.24 -29.50
C TYR D 184 -8.93 4.47 -30.35
N GLU D 185 -7.94 5.36 -30.45
CA GLU D 185 -7.89 6.46 -31.40
C GLU D 185 -8.91 7.57 -31.11
N SER D 186 -9.82 7.34 -30.17
CA SER D 186 -10.81 8.32 -29.77
C SER D 186 -11.49 7.84 -28.51
N TRP D 187 -11.95 8.78 -27.69
CA TRP D 187 -12.68 8.43 -26.47
C TRP D 187 -14.05 7.85 -26.80
N GLY D 188 -14.20 6.53 -26.64
CA GLY D 188 -15.48 5.89 -26.87
C GLY D 188 -15.40 4.71 -27.82
N ASN D 189 -14.23 4.54 -28.46
CA ASN D 189 -14.02 3.50 -29.47
C ASN D 189 -13.43 2.23 -28.86
N ARG D 190 -14.20 1.50 -28.06
CA ARG D 190 -13.66 0.32 -27.39
C ARG D 190 -13.75 -0.91 -28.28
N ALA D 191 -13.36 -0.79 -29.55
CA ALA D 191 -13.42 -1.94 -30.44
C ALA D 191 -12.16 -2.13 -31.27
N ALA D 192 -11.58 -1.03 -31.74
CA ALA D 192 -10.55 -1.10 -32.78
C ALA D 192 -9.29 -1.79 -32.30
#